data_4XQF
#
_entry.id   4XQF
#
_cell.length_a   74.121
_cell.length_b   74.121
_cell.length_c   175.467
_cell.angle_alpha   90.000
_cell.angle_beta   90.000
_cell.angle_gamma   120.000
#
_symmetry.space_group_name_H-M   'P 3 2 1'
#
loop_
_entity.id
_entity.type
_entity.pdbx_description
1 polymer 'Tail spike protein'
2 non-polymer 2-AMINO-2-HYDROXYMETHYL-PROPANE-1,3-DIOL
3 non-polymer 'FORMIC ACID'
4 non-polymer 'SODIUM ION'
5 water water
#
_entity_poly.entity_id   1
_entity_poly.type   'polypeptide(L)'
_entity_poly.pdbx_seq_one_letter_code
;DPDQFRAIIESPEGAGHVGYQYRRNTGSTMRMVSDVLDERVSLWDFHCDPSGNVIQPGPNVDSRQYLQAAIDYVSSNGGG
TITIPAGYTWYLGSYGVGGIAGHSGIIQLRSNVNLNIEGRIHLSPFFDLKPFQVFVGFDNGDPASSGNLENCHIYGHGVV
DFGGYEFGASSQLRNGVAFGRSYNCSVTGITFQNGDVTWAITLGWNGYGSNCYVRKCRFINLVNSSVNADHSTVYVNCPY
SGVESCYFSMSSSFARNIACSVQLHQHDTFYRGSTVNGYCRGAYVVMHAAEAAGAGSYAYNMQVENNIAVIYGQFVILGS
DVTATVSGHLNDVIVSGNIVSIGERAAFSAPFGAFIDIGPSGASNVQDIQRVLVTGNSFYAPANITDSAAITLRANLNGC
TFIANNFDCRYMVYNAPGTTSPVVQNLVWDKSNVIGGTHANQRAGQNLFDMQFASVVNSTIEVQLSCEDLSMFSCILFPA
SCQLSYSKITVDSAWTKSMSNTAVFEGNQQAGANVYVSYPATVNLTSYNTQGAVPFFSTDTNYAWVTSAYSLSINENLDF
SPPATYTNKANGQLVGVGYNEIGGVRSVSVRLMLQRQV
;
_entity_poly.pdbx_strand_id   A
#
loop_
_chem_comp.id
_chem_comp.type
_chem_comp.name
_chem_comp.formula
FMT non-polymer 'FORMIC ACID' 'C H2 O2'
NA non-polymer 'SODIUM ION' 'Na 1'
TRS non-polymer 2-AMINO-2-HYDROXYMETHYL-PROPANE-1,3-DIOL 'C4 H12 N O3 1'
#
# COMPACT_ATOMS: atom_id res chain seq x y z
N ASP A 1 8.86 28.62 -67.13
CA ASP A 1 8.64 28.94 -65.73
C ASP A 1 9.88 28.70 -64.83
N PRO A 2 11.12 29.07 -65.28
CA PRO A 2 12.25 28.90 -64.32
C PRO A 2 12.16 29.76 -63.07
N ASP A 3 11.53 30.95 -63.17
CA ASP A 3 11.31 31.77 -61.96
C ASP A 3 10.33 31.10 -61.06
N GLN A 4 9.28 30.52 -61.67
CA GLN A 4 8.30 29.77 -60.90
C GLN A 4 8.92 28.57 -60.22
N PHE A 5 9.86 27.89 -60.89
CA PHE A 5 10.51 26.72 -60.29
C PHE A 5 11.31 27.13 -59.05
N ARG A 6 12.11 28.17 -59.16
CA ARG A 6 12.83 28.62 -57.97
C ARG A 6 11.86 29.07 -56.88
N ALA A 7 10.83 29.81 -57.24
CA ALA A 7 9.85 30.21 -56.17
C ALA A 7 9.19 29.02 -55.53
N ILE A 8 8.81 28.01 -56.32
CA ILE A 8 8.18 26.78 -55.74
C ILE A 8 9.11 26.11 -54.78
N ILE A 9 10.40 26.04 -55.16
CA ILE A 9 11.37 25.33 -54.28
C ILE A 9 11.53 26.03 -52.93
N GLU A 10 11.52 27.37 -52.99
CA GLU A 10 11.62 28.23 -51.77
C GLU A 10 10.33 28.34 -50.99
N SER A 11 9.21 27.96 -51.63
CA SER A 11 7.90 27.99 -50.99
C SER A 11 7.71 26.84 -50.05
N PRO A 12 6.63 26.83 -49.26
CA PRO A 12 6.39 25.66 -48.37
C PRO A 12 6.07 24.35 -49.10
N GLU A 13 5.84 24.45 -50.42
CA GLU A 13 5.64 23.20 -51.24
C GLU A 13 6.92 22.71 -51.86
N GLY A 14 8.01 23.35 -51.52
CA GLY A 14 9.26 23.04 -52.16
C GLY A 14 9.70 21.60 -52.01
N ALA A 15 9.68 21.11 -50.77
CA ALA A 15 10.10 19.72 -50.49
C ALA A 15 9.20 18.75 -51.27
N GLY A 16 7.97 19.16 -51.57
CA GLY A 16 7.05 18.32 -52.35
C GLY A 16 7.37 18.25 -53.84
N HIS A 17 8.44 18.90 -54.24
CA HIS A 17 8.89 18.87 -55.62
C HIS A 17 10.26 18.23 -55.81
N VAL A 18 10.96 17.91 -54.69
CA VAL A 18 12.32 17.34 -54.77
C VAL A 18 12.21 15.83 -54.61
N GLY A 19 12.54 15.08 -55.68
CA GLY A 19 12.23 13.67 -55.60
C GLY A 19 13.26 12.87 -54.77
N TYR A 20 12.85 11.68 -54.38
CA TYR A 20 13.62 10.82 -53.52
C TYR A 20 13.26 9.40 -53.73
N GLN A 21 14.29 8.57 -53.75
CA GLN A 21 14.09 7.14 -53.73
C GLN A 21 15.11 6.56 -52.73
N TYR A 22 14.63 5.71 -51.85
CA TYR A 22 15.42 5.16 -50.74
C TYR A 22 16.69 4.48 -51.24
N ARG A 23 17.82 5.00 -50.72
CA ARG A 23 19.14 4.44 -51.00
C ARG A 23 19.39 4.17 -52.46
N ARG A 24 18.83 5.03 -53.33
CA ARG A 24 19.00 4.90 -54.81
C ARG A 24 18.46 3.58 -55.35
N ASN A 25 17.59 2.94 -54.56
CA ASN A 25 17.03 1.65 -54.96
C ASN A 25 15.95 1.82 -56.01
N THR A 26 16.21 1.36 -57.22
CA THR A 26 15.28 1.62 -58.31
C THR A 26 14.00 0.79 -58.11
N GLY A 27 14.01 -0.20 -57.23
CA GLY A 27 12.78 -0.88 -56.80
C GLY A 27 11.92 -0.19 -55.74
N SER A 28 12.44 0.87 -55.13
CA SER A 28 11.73 1.62 -54.14
C SER A 28 10.76 2.63 -54.73
N THR A 29 9.86 3.10 -53.88
CA THR A 29 8.85 4.06 -54.26
C THR A 29 9.52 5.37 -54.69
N MET A 30 9.02 5.93 -55.78
CA MET A 30 9.42 7.24 -56.22
C MET A 30 8.62 8.24 -55.40
N ARG A 31 9.32 8.90 -54.46
CA ARG A 31 8.70 9.76 -53.48
C ARG A 31 9.16 11.17 -53.68
N MET A 32 8.58 12.08 -52.89
CA MET A 32 9.17 13.42 -52.70
C MET A 32 9.73 13.58 -51.31
N VAL A 33 10.68 14.51 -51.15
CA VAL A 33 11.28 14.72 -49.78
C VAL A 33 10.18 14.93 -48.73
N SER A 34 9.19 15.76 -49.10
CA SER A 34 8.10 16.05 -48.17
C SER A 34 7.40 14.81 -47.67
N ASP A 35 7.27 13.77 -48.50
CA ASP A 35 6.58 12.57 -48.06
C ASP A 35 7.38 11.89 -46.94
N VAL A 36 8.73 11.98 -47.02
CA VAL A 36 9.52 11.30 -46.03
C VAL A 36 9.52 12.09 -44.73
N LEU A 37 9.60 13.41 -44.85
CA LEU A 37 9.54 14.26 -43.70
C LEU A 37 8.16 14.16 -43.02
N ASP A 38 7.13 13.91 -43.79
CA ASP A 38 5.80 13.79 -43.23
C ASP A 38 5.63 12.49 -42.42
N GLU A 39 6.58 11.54 -42.48
CA GLU A 39 6.54 10.34 -41.63
C GLU A 39 6.75 10.58 -40.16
N ARG A 40 7.21 11.76 -39.81
CA ARG A 40 7.42 12.18 -38.42
C ARG A 40 6.77 13.53 -38.21
N VAL A 41 6.56 13.86 -36.97
CA VAL A 41 5.98 15.12 -36.62
C VAL A 41 6.47 15.62 -35.25
N SER A 42 6.68 16.90 -35.10
CA SER A 42 7.08 17.41 -33.82
C SER A 42 6.28 18.66 -33.50
N LEU A 43 6.50 19.15 -32.29
CA LEU A 43 5.84 20.37 -31.86
C LEU A 43 6.24 21.54 -32.80
N TRP A 44 7.49 21.51 -33.31
CA TRP A 44 7.91 22.53 -34.25
C TRP A 44 7.00 22.70 -35.44
N ASP A 45 6.36 21.64 -35.91
CA ASP A 45 5.45 21.77 -37.01
C ASP A 45 4.17 22.52 -36.73
N PHE A 46 4.01 22.89 -35.49
CA PHE A 46 2.78 23.64 -35.06
C PHE A 46 3.06 24.85 -34.19
N HIS A 47 4.32 25.08 -33.84
CA HIS A 47 4.64 26.08 -32.85
C HIS A 47 4.99 27.35 -33.59
N CYS A 48 3.97 27.95 -34.25
CA CYS A 48 4.22 29.08 -35.19
C CYS A 48 3.19 30.16 -34.99
N ASP A 49 3.54 31.37 -35.37
CA ASP A 49 2.57 32.46 -35.33
C ASP A 49 1.56 32.34 -36.51
N PRO A 50 0.61 33.27 -36.55
CA PRO A 50 -0.43 33.17 -37.58
C PRO A 50 0.11 33.33 -39.00
N SER A 51 1.30 33.89 -39.16
CA SER A 51 1.93 33.99 -40.47
C SER A 51 2.86 32.82 -40.79
N GLY A 52 2.85 31.84 -39.92
CA GLY A 52 3.60 30.61 -40.20
C GLY A 52 5.04 30.65 -39.73
N ASN A 53 5.44 31.70 -39.04
CA ASN A 53 6.80 31.80 -38.59
C ASN A 53 6.95 31.10 -37.26
N VAL A 54 7.99 30.28 -37.15
CA VAL A 54 8.20 29.56 -35.93
C VAL A 54 8.44 30.48 -34.75
N ILE A 55 7.93 30.06 -33.58
CA ILE A 55 8.08 30.78 -32.34
C ILE A 55 8.99 29.90 -31.45
N GLN A 56 10.01 30.52 -30.89
CA GLN A 56 10.83 29.84 -29.85
C GLN A 56 10.04 29.75 -28.53
N PRO A 57 10.14 28.62 -27.88
CA PRO A 57 9.45 28.43 -26.60
C PRO A 57 10.29 29.17 -25.52
N GLY A 58 9.69 29.38 -24.35
CA GLY A 58 10.36 30.13 -23.26
C GLY A 58 9.33 30.55 -22.26
N PRO A 59 9.78 31.21 -21.17
CA PRO A 59 8.88 31.51 -20.09
C PRO A 59 7.83 32.51 -20.47
N ASN A 60 8.01 33.25 -21.55
CA ASN A 60 7.06 34.27 -21.97
C ASN A 60 6.14 33.77 -23.08
N VAL A 61 6.18 32.47 -23.36
CA VAL A 61 5.42 31.87 -24.47
C VAL A 61 4.52 30.75 -23.94
N ASP A 62 3.22 30.89 -24.18
CA ASP A 62 2.30 29.84 -23.94
C ASP A 62 2.24 28.88 -25.10
N SER A 63 2.90 27.73 -24.92
CA SER A 63 2.88 26.68 -25.91
C SER A 63 1.58 25.88 -26.03
N ARG A 64 0.62 26.11 -25.13
CA ARG A 64 -0.56 25.24 -25.08
C ARG A 64 -1.28 25.12 -26.46
N GLN A 65 -1.65 26.23 -27.07
CA GLN A 65 -2.45 26.18 -28.30
C GLN A 65 -1.71 25.38 -29.40
N TYR A 66 -0.38 25.48 -29.41
CA TYR A 66 0.40 24.85 -30.44
C TYR A 66 0.44 23.39 -30.27
N LEU A 67 0.65 22.95 -29.03
CA LEU A 67 0.60 21.53 -28.72
C LEU A 67 -0.79 20.96 -28.99
N GLN A 68 -1.82 21.69 -28.60
CA GLN A 68 -3.16 21.22 -28.91
C GLN A 68 -3.43 21.06 -30.42
N ALA A 69 -2.97 22.03 -31.22
CA ALA A 69 -3.16 21.97 -32.67
C ALA A 69 -2.44 20.75 -33.26
N ALA A 70 -1.26 20.49 -32.75
CA ALA A 70 -0.52 19.27 -33.21
C ALA A 70 -1.31 18.04 -32.88
N ILE A 71 -1.78 17.90 -31.62
CA ILE A 71 -2.56 16.72 -31.25
C ILE A 71 -3.85 16.54 -32.10
N ASP A 72 -4.58 17.63 -32.24
CA ASP A 72 -5.77 17.68 -33.08
C ASP A 72 -5.49 17.20 -34.52
N TYR A 73 -4.38 17.65 -35.11
CA TYR A 73 -4.13 17.40 -36.48
C TYR A 73 -3.73 15.94 -36.63
N VAL A 74 -2.88 15.44 -35.74
CA VAL A 74 -2.46 14.05 -35.88
C VAL A 74 -3.66 13.12 -35.66
N SER A 75 -4.51 13.48 -34.72
CA SER A 75 -5.76 12.75 -34.48
C SER A 75 -6.56 12.61 -35.73
N SER A 76 -6.67 13.70 -36.50
CA SER A 76 -7.44 13.73 -37.75
C SER A 76 -6.93 12.77 -38.81
N ASN A 77 -5.67 12.35 -38.70
CA ASN A 77 -5.11 11.33 -39.61
C ASN A 77 -5.01 9.95 -39.00
N GLY A 78 -5.68 9.75 -37.87
CA GLY A 78 -5.79 8.42 -37.33
C GLY A 78 -4.69 8.08 -36.35
N GLY A 79 -3.92 9.09 -35.94
CA GLY A 79 -2.90 8.87 -34.98
C GLY A 79 -1.47 8.93 -35.44
N GLY A 80 -0.60 8.88 -34.45
CA GLY A 80 0.86 9.06 -34.65
C GLY A 80 1.52 9.42 -33.34
N THR A 81 2.77 9.80 -33.40
CA THR A 81 3.55 10.18 -32.20
C THR A 81 4.13 11.53 -32.46
N ILE A 82 3.89 12.49 -31.57
CA ILE A 82 4.40 13.85 -31.71
C ILE A 82 5.56 13.98 -30.77
N THR A 83 6.70 14.42 -31.26
CA THR A 83 7.85 14.64 -30.41
C THR A 83 7.79 16.00 -29.83
N ILE A 84 8.05 16.09 -28.51
CA ILE A 84 8.28 17.33 -27.80
C ILE A 84 9.81 17.45 -27.66
N PRO A 85 10.40 18.31 -28.46
CA PRO A 85 11.86 18.25 -28.64
C PRO A 85 12.77 18.48 -27.44
N ALA A 86 13.85 17.68 -27.39
CA ALA A 86 14.90 17.83 -26.40
C ALA A 86 15.57 19.18 -26.54
N GLY A 87 16.16 19.67 -25.47
CA GLY A 87 17.00 20.85 -25.51
C GLY A 87 16.20 22.13 -25.34
N TYR A 88 14.90 21.97 -25.13
CA TYR A 88 14.00 23.09 -24.93
C TYR A 88 13.02 22.84 -23.78
N THR A 89 12.59 23.94 -23.17
CA THR A 89 11.54 23.88 -22.17
C THR A 89 10.31 24.57 -22.77
N TRP A 90 9.21 23.85 -22.74
CA TRP A 90 7.98 24.26 -23.39
C TRP A 90 7.01 24.62 -22.25
N TYR A 91 6.64 25.90 -22.14
CA TYR A 91 5.79 26.35 -21.07
C TYR A 91 4.30 26.32 -21.41
N LEU A 92 3.48 25.99 -20.40
CA LEU A 92 2.04 26.00 -20.55
C LEU A 92 1.48 27.10 -19.65
N GLY A 93 0.65 27.97 -20.21
CA GLY A 93 0.18 29.18 -19.49
C GLY A 93 -1.31 29.52 -19.58
N SER A 94 -2.19 28.57 -19.91
CA SER A 94 -3.64 28.84 -20.05
C SER A 94 -4.36 27.54 -19.95
N TYR A 95 -5.65 27.63 -19.68
CA TYR A 95 -6.50 26.48 -19.73
C TYR A 95 -6.95 26.16 -21.17
N GLY A 96 -7.26 24.89 -21.39
CA GLY A 96 -7.85 24.47 -22.62
C GLY A 96 -9.32 24.74 -22.60
N VAL A 97 -9.99 24.43 -23.70
CA VAL A 97 -11.40 24.77 -23.86
C VAL A 97 -12.16 23.56 -24.33
N GLY A 98 -13.48 23.66 -24.33
CA GLY A 98 -14.30 22.52 -24.67
C GLY A 98 -14.45 21.52 -23.54
N GLY A 99 -14.48 20.24 -23.88
CA GLY A 99 -14.80 19.15 -22.96
C GLY A 99 -13.84 19.06 -21.81
N ILE A 100 -12.60 19.49 -21.99
CA ILE A 100 -11.69 19.42 -20.86
C ILE A 100 -11.83 20.57 -19.88
N ALA A 101 -12.61 21.58 -20.21
CA ALA A 101 -12.72 22.75 -19.32
C ALA A 101 -13.33 22.44 -17.96
N GLY A 102 -14.27 21.49 -17.94
CA GLY A 102 -14.87 21.04 -16.70
C GLY A 102 -13.86 20.35 -15.80
N HIS A 103 -12.79 19.86 -16.39
CA HIS A 103 -11.80 19.11 -15.70
C HIS A 103 -10.59 19.94 -15.39
N SER A 104 -10.77 21.26 -15.40
CA SER A 104 -9.60 22.21 -15.35
C SER A 104 -8.40 21.78 -16.24
N GLY A 105 -8.71 21.24 -17.43
CA GLY A 105 -7.66 20.63 -18.26
C GLY A 105 -6.86 21.66 -18.97
N ILE A 106 -5.57 21.31 -19.20
CA ILE A 106 -4.72 22.16 -20.03
C ILE A 106 -4.68 21.65 -21.47
N ILE A 107 -4.18 20.42 -21.68
CA ILE A 107 -4.09 19.73 -22.99
C ILE A 107 -5.11 18.61 -23.02
N GLN A 108 -5.89 18.53 -24.08
CA GLN A 108 -6.69 17.32 -24.34
C GLN A 108 -5.93 16.31 -25.16
N LEU A 109 -5.77 15.13 -24.59
CA LEU A 109 -5.23 13.99 -25.30
C LEU A 109 -6.29 13.45 -26.23
N ARG A 110 -5.83 12.71 -27.27
CA ARG A 110 -6.70 12.10 -28.17
C ARG A 110 -6.27 10.71 -28.52
N SER A 111 -7.24 9.86 -28.87
CA SER A 111 -6.94 8.45 -29.17
C SER A 111 -5.89 8.27 -30.24
N ASN A 112 -5.01 7.32 -30.01
CA ASN A 112 -3.91 6.95 -30.96
C ASN A 112 -2.88 8.01 -31.20
N VAL A 113 -2.92 9.11 -30.43
CA VAL A 113 -1.93 10.15 -30.55
C VAL A 113 -1.03 10.10 -29.33
N ASN A 114 0.19 9.67 -29.55
CA ASN A 114 1.14 9.50 -28.51
C ASN A 114 1.99 10.71 -28.42
N LEU A 115 2.54 10.98 -27.23
CA LEU A 115 3.45 12.07 -27.01
C LEU A 115 4.80 11.56 -26.60
N ASN A 116 5.85 11.86 -27.38
CA ASN A 116 7.20 11.47 -27.00
C ASN A 116 7.89 12.67 -26.43
N ILE A 117 7.84 12.77 -25.11
CA ILE A 117 8.36 13.94 -24.41
C ILE A 117 9.86 13.75 -24.19
N GLU A 118 10.71 14.44 -24.94
CA GLU A 118 12.15 14.44 -24.72
C GLU A 118 12.67 15.68 -24.05
N GLY A 119 12.05 16.80 -24.33
CA GLY A 119 12.34 18.04 -23.59
C GLY A 119 11.52 18.17 -22.32
N ARG A 120 11.33 19.40 -21.88
CA ARG A 120 10.68 19.69 -20.60
C ARG A 120 9.40 20.44 -20.85
N ILE A 121 8.38 20.10 -20.09
CA ILE A 121 7.10 20.81 -20.10
C ILE A 121 6.98 21.41 -18.72
N HIS A 122 6.84 22.72 -18.66
N HIS A 122 6.73 22.70 -18.66
CA HIS A 122 6.79 23.45 -17.42
CA HIS A 122 6.82 23.42 -17.45
C HIS A 122 5.47 24.20 -17.34
C HIS A 122 5.62 24.38 -17.29
N LEU A 123 4.99 24.38 -16.13
CA LEU A 123 3.85 25.25 -15.88
C LEU A 123 4.29 26.64 -15.53
N SER A 124 3.62 27.59 -16.17
CA SER A 124 3.85 28.98 -15.97
C SER A 124 3.05 29.48 -14.77
N PRO A 125 3.42 30.65 -14.25
CA PRO A 125 2.79 31.10 -13.02
C PRO A 125 1.35 31.55 -13.11
N PHE A 126 0.81 31.62 -14.31
CA PHE A 126 -0.63 31.62 -14.47
C PHE A 126 -1.36 30.61 -13.54
N PHE A 127 -0.72 29.47 -13.28
CA PHE A 127 -1.33 28.36 -12.54
C PHE A 127 -1.07 28.38 -11.04
N ASP A 128 -0.29 29.38 -10.60
CA ASP A 128 -0.05 29.48 -9.19
C ASP A 128 -1.39 29.64 -8.52
N LEU A 129 -1.61 28.88 -7.48
CA LEU A 129 -2.81 28.99 -6.61
C LEU A 129 -4.09 28.51 -7.30
N LYS A 130 -3.96 27.87 -8.46
CA LYS A 130 -5.14 27.40 -9.19
C LYS A 130 -5.13 25.90 -9.37
N PRO A 131 -6.33 25.31 -9.62
CA PRO A 131 -6.36 23.92 -10.03
C PRO A 131 -5.99 23.71 -11.48
N PHE A 132 -5.53 22.49 -11.73
CA PHE A 132 -5.24 22.07 -13.11
C PHE A 132 -5.11 20.55 -13.25
N GLN A 133 -5.40 20.04 -14.46
CA GLN A 133 -5.05 18.69 -14.85
C GLN A 133 -4.28 18.87 -16.20
N VAL A 134 -2.98 18.58 -16.20
CA VAL A 134 -2.14 19.04 -17.31
C VAL A 134 -2.58 18.37 -18.64
N PHE A 135 -2.82 17.07 -18.64
CA PHE A 135 -3.26 16.33 -19.82
C PHE A 135 -4.53 15.59 -19.43
N VAL A 136 -5.56 15.73 -20.23
CA VAL A 136 -6.87 15.20 -19.90
C VAL A 136 -7.40 14.43 -21.10
N GLY A 137 -7.84 13.22 -20.82
CA GLY A 137 -8.32 12.27 -21.85
C GLY A 137 -9.85 12.25 -22.02
N PHE A 138 -10.60 12.83 -21.09
CA PHE A 138 -12.02 12.99 -21.29
C PHE A 138 -12.30 13.92 -22.46
N ASP A 139 -13.46 13.71 -23.13
CA ASP A 139 -13.86 14.58 -24.23
C ASP A 139 -15.14 15.31 -23.90
N ASN A 140 -15.51 15.33 -22.63
CA ASN A 140 -16.80 15.88 -22.17
C ASN A 140 -16.64 16.31 -20.73
N GLY A 141 -17.25 17.44 -20.36
CA GLY A 141 -17.14 17.89 -18.98
C GLY A 141 -17.82 16.95 -18.00
N ASP A 142 -18.82 16.21 -18.48
CA ASP A 142 -19.43 15.13 -17.72
C ASP A 142 -18.76 13.80 -18.10
N PRO A 143 -18.01 13.22 -17.18
CA PRO A 143 -17.31 12.00 -17.51
C PRO A 143 -18.23 10.84 -17.85
N ALA A 144 -19.43 10.86 -17.33
CA ALA A 144 -20.40 9.81 -17.61
C ALA A 144 -20.86 9.80 -19.05
N SER A 145 -20.71 10.93 -19.74
CA SER A 145 -21.03 11.11 -21.14
C SER A 145 -19.80 11.21 -22.05
N SER A 146 -18.62 10.98 -21.48
CA SER A 146 -17.42 11.07 -22.24
C SER A 146 -17.19 9.78 -23.10
N GLY A 147 -16.61 10.02 -24.25
CA GLY A 147 -16.06 8.94 -25.06
C GLY A 147 -14.78 8.50 -24.34
N ASN A 148 -14.20 7.49 -24.92
CA ASN A 148 -12.99 6.88 -24.38
C ASN A 148 -11.74 7.56 -24.93
N LEU A 149 -10.63 7.47 -24.19
CA LEU A 149 -9.32 7.69 -24.76
C LEU A 149 -8.70 6.33 -24.96
N GLU A 150 -8.29 6.00 -26.18
CA GLU A 150 -7.71 4.68 -26.50
C GLU A 150 -6.33 4.83 -27.08
N ASN A 151 -5.44 3.90 -26.75
CA ASN A 151 -4.12 3.79 -27.41
C ASN A 151 -3.33 5.06 -27.40
N CYS A 152 -3.20 5.66 -26.20
CA CYS A 152 -2.51 6.94 -26.02
C CYS A 152 -1.38 6.74 -25.03
N HIS A 153 -0.15 6.91 -25.50
CA HIS A 153 1.05 6.63 -24.77
C HIS A 153 1.90 7.86 -24.68
N ILE A 154 2.33 8.18 -23.46
CA ILE A 154 3.25 9.25 -23.17
C ILE A 154 4.51 8.64 -22.70
N TYR A 155 5.60 9.00 -23.35
CA TYR A 155 6.88 8.36 -23.06
C TYR A 155 8.03 9.24 -23.41
N GLY A 156 9.19 8.88 -22.89
CA GLY A 156 10.45 9.53 -23.27
C GLY A 156 11.31 9.83 -22.10
N HIS A 157 12.36 10.59 -22.30
CA HIS A 157 13.35 10.87 -21.32
C HIS A 157 13.10 12.25 -20.68
N GLY A 158 11.98 12.85 -20.99
CA GLY A 158 11.73 14.21 -20.60
C GLY A 158 11.05 14.38 -19.27
N VAL A 159 10.55 15.58 -19.03
CA VAL A 159 10.13 16.02 -17.74
C VAL A 159 8.86 16.83 -17.79
N VAL A 160 8.00 16.65 -16.80
CA VAL A 160 6.81 17.50 -16.53
C VAL A 160 7.09 18.14 -15.20
N ASP A 161 7.21 19.44 -15.19
CA ASP A 161 7.60 20.23 -14.01
C ASP A 161 6.39 21.12 -13.70
N PHE A 162 5.85 20.95 -12.47
CA PHE A 162 4.68 21.68 -12.04
C PHE A 162 4.98 23.07 -11.46
N GLY A 163 6.22 23.52 -11.54
CA GLY A 163 6.51 24.89 -11.27
C GLY A 163 6.69 25.29 -9.87
N GLY A 164 6.48 24.35 -8.95
CA GLY A 164 6.63 24.60 -7.50
C GLY A 164 5.45 25.28 -6.81
N TYR A 165 4.43 25.59 -7.61
CA TYR A 165 3.33 26.39 -7.11
C TYR A 165 2.54 25.63 -6.08
N GLU A 166 2.26 26.28 -4.96
CA GLU A 166 1.40 25.69 -3.96
C GLU A 166 -0.09 25.68 -4.41
N PHE A 167 -0.86 24.84 -3.77
CA PHE A 167 -2.33 24.90 -3.88
C PHE A 167 -2.82 26.25 -3.32
N GLY A 168 -3.81 26.85 -3.94
CA GLY A 168 -4.49 27.99 -3.36
C GLY A 168 -5.55 27.61 -2.31
N ALA A 169 -6.18 26.44 -2.40
CA ALA A 169 -7.20 26.05 -1.39
C ALA A 169 -7.26 24.55 -1.35
N SER A 170 -7.57 24.02 -0.17
N SER A 170 -7.56 24.01 -0.16
CA SER A 170 -7.47 22.58 0.04
CA SER A 170 -7.55 22.56 0.05
C SER A 170 -8.57 21.80 -0.74
C SER A 170 -8.49 21.83 -0.92
N SER A 171 -9.58 22.51 -1.24
CA SER A 171 -10.65 21.92 -2.01
C SER A 171 -10.29 21.76 -3.48
N GLN A 172 -9.18 22.34 -3.89
CA GLN A 172 -8.75 22.22 -5.27
C GLN A 172 -8.15 20.86 -5.53
N LEU A 173 -8.11 20.53 -6.80
CA LEU A 173 -7.51 19.27 -7.30
C LEU A 173 -6.51 19.63 -8.36
N ARG A 174 -5.45 18.83 -8.44
CA ARG A 174 -4.41 18.98 -9.44
C ARG A 174 -3.85 17.62 -9.81
N ASN A 175 -3.63 17.44 -11.11
CA ASN A 175 -3.17 16.23 -11.68
C ASN A 175 -2.17 16.52 -12.82
N GLY A 176 -1.28 15.56 -13.07
CA GLY A 176 -0.49 15.53 -14.29
C GLY A 176 -1.25 14.96 -15.48
N VAL A 177 -1.45 13.65 -15.49
CA VAL A 177 -2.15 12.98 -16.61
C VAL A 177 -3.42 12.35 -16.08
N ALA A 178 -4.56 12.91 -16.46
CA ALA A 178 -5.87 12.32 -16.24
C ALA A 178 -6.28 11.64 -17.49
N PHE A 179 -5.96 10.38 -17.61
CA PHE A 179 -6.27 9.65 -18.85
C PHE A 179 -7.80 9.51 -19.14
N GLY A 180 -8.63 9.60 -18.14
CA GLY A 180 -10.11 9.49 -18.38
C GLY A 180 -10.57 8.07 -18.51
N ARG A 181 -11.51 7.84 -19.40
CA ARG A 181 -12.04 6.50 -19.64
C ARG A 181 -11.11 5.85 -20.59
N SER A 182 -10.04 5.30 -20.00
CA SER A 182 -8.79 5.06 -20.71
C SER A 182 -8.49 3.56 -20.97
N TYR A 183 -8.26 3.23 -22.26
CA TYR A 183 -8.10 1.84 -22.67
C TYR A 183 -6.80 1.80 -23.45
N ASN A 184 -5.87 0.98 -22.99
CA ASN A 184 -4.53 0.88 -23.55
C ASN A 184 -3.80 2.19 -23.62
N CYS A 185 -3.63 2.80 -22.45
CA CYS A 185 -2.83 4.01 -22.30
C CYS A 185 -1.74 3.84 -21.30
N SER A 186 -0.64 4.57 -21.49
CA SER A 186 0.50 4.38 -20.62
C SER A 186 1.35 5.57 -20.51
N VAL A 187 2.13 5.64 -19.43
CA VAL A 187 3.12 6.62 -19.29
C VAL A 187 4.42 5.90 -18.91
N THR A 188 5.51 6.13 -19.67
CA THR A 188 6.77 5.43 -19.51
C THR A 188 7.98 6.33 -19.58
N GLY A 189 8.84 6.27 -18.58
CA GLY A 189 10.07 7.02 -18.59
C GLY A 189 10.08 8.44 -18.12
N ILE A 190 8.92 9.04 -17.90
CA ILE A 190 8.80 10.46 -17.65
C ILE A 190 9.11 10.80 -16.18
N THR A 191 9.77 11.92 -15.93
CA THR A 191 9.94 12.45 -14.62
C THR A 191 8.89 13.55 -14.39
N PHE A 192 8.19 13.42 -13.29
CA PHE A 192 7.18 14.40 -12.84
C PHE A 192 7.72 14.99 -11.56
N GLN A 193 7.89 16.29 -11.52
CA GLN A 193 8.62 16.95 -10.44
C GLN A 193 8.14 18.31 -10.05
N ASN A 194 8.51 18.69 -8.84
N ASN A 194 8.46 18.71 -8.83
CA ASN A 194 8.36 20.06 -8.33
CA ASN A 194 8.38 20.14 -8.40
C ASN A 194 6.93 20.55 -8.41
C ASN A 194 6.96 20.69 -8.30
N GLY A 195 6.11 20.07 -7.49
CA GLY A 195 4.71 20.54 -7.41
C GLY A 195 4.02 20.37 -6.09
N ASP A 196 2.77 20.81 -6.09
CA ASP A 196 1.87 20.56 -4.99
C ASP A 196 0.58 20.03 -5.65
N VAL A 197 0.47 18.73 -5.79
CA VAL A 197 -0.61 18.13 -6.58
C VAL A 197 -1.38 17.06 -5.82
N THR A 198 -2.56 16.70 -6.29
CA THR A 198 -3.36 15.67 -5.68
C THR A 198 -2.85 14.30 -6.21
N TRP A 199 -2.65 14.24 -7.52
CA TRP A 199 -2.12 13.05 -8.15
C TRP A 199 -1.11 13.47 -9.22
N ALA A 200 -0.21 12.58 -9.66
CA ALA A 200 0.53 12.80 -10.86
C ALA A 200 -0.16 12.19 -12.07
N ILE A 201 -0.77 11.03 -11.87
CA ILE A 201 -1.39 10.27 -12.97
C ILE A 201 -2.64 9.62 -12.40
N THR A 202 -3.76 9.71 -13.10
CA THR A 202 -4.94 8.86 -12.80
C THR A 202 -5.28 8.03 -14.03
N LEU A 203 -5.40 6.73 -13.82
CA LEU A 203 -5.75 5.76 -14.86
C LEU A 203 -7.22 5.42 -14.65
N GLY A 204 -8.01 5.56 -15.71
CA GLY A 204 -9.41 5.26 -15.65
C GLY A 204 -10.29 6.29 -15.00
N TRP A 205 -11.54 5.98 -15.04
CA TRP A 205 -12.63 6.78 -14.43
C TRP A 205 -13.76 5.87 -13.95
N ASN A 206 -13.91 5.74 -12.63
CA ASN A 206 -14.98 4.98 -12.02
C ASN A 206 -15.08 3.61 -12.56
N GLY A 207 -13.89 3.03 -12.73
CA GLY A 207 -13.82 1.65 -13.18
C GLY A 207 -13.75 1.43 -14.67
N TYR A 208 -14.03 2.49 -15.43
CA TYR A 208 -14.01 2.44 -16.85
C TYR A 208 -12.60 2.61 -17.37
N GLY A 209 -12.19 1.68 -18.21
CA GLY A 209 -10.84 1.59 -18.73
C GLY A 209 -10.29 0.19 -18.64
N SER A 210 -9.09 0.03 -19.24
CA SER A 210 -8.37 -1.23 -19.20
C SER A 210 -6.98 -1.07 -19.68
N ASN A 211 -6.09 -1.92 -19.21
CA ASN A 211 -4.75 -1.98 -19.80
C ASN A 211 -4.05 -0.64 -19.80
N CYS A 212 -4.03 0.01 -18.64
CA CYS A 212 -3.26 1.24 -18.43
C CYS A 212 -2.13 1.09 -17.43
N TYR A 213 -0.99 1.68 -17.73
CA TYR A 213 0.26 1.29 -17.03
C TYR A 213 1.15 2.46 -16.88
N VAL A 214 1.86 2.48 -15.75
CA VAL A 214 2.87 3.53 -15.44
C VAL A 214 4.14 2.74 -15.17
N ARG A 215 5.15 2.99 -15.95
CA ARG A 215 6.36 2.18 -15.91
C ARG A 215 7.56 3.03 -16.02
N LYS A 216 8.57 2.79 -15.19
CA LYS A 216 9.86 3.46 -15.26
C LYS A 216 9.76 5.00 -15.20
N CYS A 217 8.77 5.49 -14.49
CA CYS A 217 8.65 6.91 -14.23
C CYS A 217 9.23 7.32 -12.91
N ARG A 218 9.56 8.61 -12.77
CA ARG A 218 10.00 9.16 -11.53
C ARG A 218 9.02 10.20 -11.08
N PHE A 219 8.80 10.31 -9.78
CA PHE A 219 7.90 11.29 -9.18
C PHE A 219 8.63 11.89 -7.99
N ILE A 220 8.94 13.14 -8.11
CA ILE A 220 9.83 13.79 -7.17
C ILE A 220 9.24 15.10 -6.66
N ASN A 221 9.07 15.17 -5.35
CA ASN A 221 8.67 16.43 -4.63
C ASN A 221 7.37 17.01 -5.19
N LEU A 222 6.30 16.23 -5.09
CA LEU A 222 5.00 16.60 -5.63
C LEU A 222 4.00 17.08 -4.55
N VAL A 223 4.43 17.21 -3.29
CA VAL A 223 3.65 17.87 -2.24
C VAL A 223 4.59 18.83 -1.62
N ASN A 224 4.16 20.07 -1.41
CA ASN A 224 5.04 21.00 -0.79
C ASN A 224 4.39 22.00 0.15
N SER A 225 3.09 21.84 0.40
CA SER A 225 2.44 22.84 1.25
C SER A 225 1.47 22.28 2.28
N SER A 226 1.12 23.11 3.25
CA SER A 226 0.17 22.72 4.28
C SER A 226 -1.27 22.79 3.72
N VAL A 227 -1.45 23.41 2.54
CA VAL A 227 -2.79 23.56 1.94
C VAL A 227 -3.25 22.26 1.35
N ASN A 228 -2.30 21.46 0.87
CA ASN A 228 -2.62 20.27 0.10
C ASN A 228 -3.37 19.32 1.00
N ALA A 229 -4.58 18.94 0.59
CA ALA A 229 -5.47 18.12 1.43
C ALA A 229 -5.05 16.67 1.46
N ASP A 230 -4.60 16.18 0.32
CA ASP A 230 -4.39 14.76 0.15
C ASP A 230 -3.57 14.49 -1.14
N HIS A 231 -2.81 13.41 -1.16
CA HIS A 231 -2.02 13.11 -2.35
C HIS A 231 -1.88 11.57 -2.56
N SER A 232 -2.16 11.12 -3.75
CA SER A 232 -1.85 9.74 -4.16
C SER A 232 -1.16 9.85 -5.50
N THR A 233 0.11 9.48 -5.59
CA THR A 233 0.85 9.81 -6.82
C THR A 233 0.22 9.21 -8.06
N VAL A 234 -0.01 7.92 -8.04
CA VAL A 234 -0.74 7.26 -9.12
C VAL A 234 -1.99 6.66 -8.58
N TYR A 235 -3.09 6.95 -9.26
N TYR A 235 -3.11 6.98 -9.22
CA TYR A 235 -4.40 6.49 -8.88
CA TYR A 235 -4.40 6.45 -8.86
C TYR A 235 -4.96 5.55 -9.98
C TYR A 235 -4.86 5.53 -9.99
N VAL A 236 -5.01 4.25 -9.66
CA VAL A 236 -5.41 3.22 -10.60
C VAL A 236 -6.90 2.90 -10.45
N ASN A 237 -7.71 3.41 -11.37
CA ASN A 237 -9.12 3.31 -11.25
C ASN A 237 -9.78 2.69 -12.48
N CYS A 238 -9.03 1.75 -13.09
CA CYS A 238 -9.53 0.85 -14.09
C CYS A 238 -8.85 -0.47 -13.93
N PRO A 239 -9.49 -1.54 -14.34
CA PRO A 239 -8.92 -2.88 -14.16
C PRO A 239 -7.79 -3.19 -15.11
N TYR A 240 -7.12 -4.33 -14.86
CA TYR A 240 -6.08 -4.82 -15.76
C TYR A 240 -5.03 -3.79 -16.05
N SER A 241 -4.58 -3.15 -14.98
CA SER A 241 -3.78 -1.93 -14.99
C SER A 241 -2.83 -1.89 -13.80
N GLY A 242 -1.75 -1.13 -13.87
CA GLY A 242 -0.86 -1.12 -12.74
C GLY A 242 0.35 -0.22 -12.94
N VAL A 243 1.25 -0.33 -11.96
CA VAL A 243 2.42 0.51 -11.79
C VAL A 243 3.58 -0.46 -11.58
N GLU A 244 4.65 -0.25 -12.34
CA GLU A 244 5.84 -1.05 -12.15
C GLU A 244 7.12 -0.34 -12.39
N SER A 245 8.08 -0.66 -11.57
CA SER A 245 9.46 -0.14 -11.70
C SER A 245 9.53 1.37 -11.73
N CYS A 246 8.82 2.02 -10.82
CA CYS A 246 8.87 3.47 -10.70
C CYS A 246 9.60 3.89 -9.46
N TYR A 247 9.92 5.17 -9.39
CA TYR A 247 10.57 5.77 -8.26
C TYR A 247 9.76 6.95 -7.74
N PHE A 248 9.56 6.96 -6.45
CA PHE A 248 8.75 7.98 -5.81
C PHE A 248 9.54 8.61 -4.66
N SER A 249 9.68 9.93 -4.63
CA SER A 249 10.36 10.59 -3.59
C SER A 249 9.70 11.92 -3.16
N MET A 250 9.66 12.15 -1.87
CA MET A 250 9.19 13.40 -1.32
C MET A 250 10.19 13.83 -0.33
N SER A 251 10.26 15.14 -0.13
CA SER A 251 11.08 15.69 0.90
C SER A 251 10.35 16.59 1.87
N SER A 252 9.09 16.91 1.59
N SER A 252 9.11 16.97 1.58
CA SER A 252 8.35 17.88 2.39
CA SER A 252 8.46 17.96 2.42
C SER A 252 7.90 17.22 3.69
C SER A 252 7.88 17.26 3.66
N SER A 253 7.82 17.97 4.77
CA SER A 253 7.27 17.46 6.03
C SER A 253 5.77 17.08 5.84
N PHE A 254 5.08 17.87 5.01
CA PHE A 254 3.68 17.64 4.72
C PHE A 254 3.45 16.28 4.07
N ALA A 255 4.33 15.90 3.14
CA ALA A 255 4.20 14.62 2.47
C ALA A 255 4.18 13.45 3.44
N ARG A 256 4.95 13.59 4.52
CA ARG A 256 5.01 12.55 5.57
C ARG A 256 3.70 12.25 6.25
N ASN A 257 2.83 13.25 6.21
CA ASN A 257 1.54 13.19 6.79
C ASN A 257 0.38 12.98 5.84
N ILE A 258 0.53 13.36 4.59
CA ILE A 258 -0.59 13.19 3.62
C ILE A 258 -0.34 12.41 2.36
N ALA A 259 0.89 12.07 2.04
CA ALA A 259 1.14 11.44 0.67
C ALA A 259 1.25 9.93 0.63
N CYS A 260 0.49 9.33 -0.27
CA CYS A 260 0.56 7.94 -0.62
C CYS A 260 1.14 7.78 -2.01
N SER A 261 1.99 6.77 -2.27
CA SER A 261 2.50 6.55 -3.62
C SER A 261 1.50 6.06 -4.64
N VAL A 262 0.64 5.09 -4.30
CA VAL A 262 -0.26 4.46 -5.25
C VAL A 262 -1.59 4.17 -4.58
N GLN A 263 -2.69 4.36 -5.29
N GLN A 263 -2.65 4.27 -5.34
CA GLN A 263 -3.95 3.73 -4.89
CA GLN A 263 -3.99 3.91 -4.91
C GLN A 263 -4.42 2.81 -5.95
C GLN A 263 -4.50 2.86 -5.94
N LEU A 264 -4.77 1.61 -5.53
CA LEU A 264 -5.41 0.60 -6.43
C LEU A 264 -6.86 0.48 -6.08
N HIS A 265 -7.75 0.73 -7.04
CA HIS A 265 -9.14 0.78 -6.80
C HIS A 265 -9.97 -0.13 -7.67
N GLN A 266 -9.37 -0.99 -8.52
CA GLN A 266 -10.18 -1.89 -9.38
C GLN A 266 -9.48 -3.21 -9.45
N HIS A 267 -10.22 -4.18 -9.99
CA HIS A 267 -9.72 -5.53 -9.98
C HIS A 267 -8.59 -5.70 -10.97
N ASP A 268 -7.78 -6.70 -10.69
CA ASP A 268 -6.66 -7.11 -11.55
C ASP A 268 -5.71 -5.94 -11.75
N THR A 269 -5.29 -5.36 -10.62
CA THR A 269 -4.34 -4.27 -10.60
C THR A 269 -3.12 -4.58 -9.77
N PHE A 270 -2.04 -3.88 -10.04
CA PHE A 270 -0.78 -4.18 -9.41
C PHE A 270 0.13 -3.00 -9.20
N TYR A 271 0.97 -3.16 -8.19
CA TYR A 271 2.02 -2.20 -7.87
C TYR A 271 3.26 -3.00 -7.50
N ARG A 272 4.24 -3.01 -8.43
N ARG A 272 4.29 -2.92 -8.34
CA ARG A 272 5.42 -3.89 -8.35
CA ARG A 272 5.42 -3.82 -8.21
C ARG A 272 6.73 -3.13 -8.50
C ARG A 272 6.74 -3.16 -8.54
N GLY A 273 7.78 -3.64 -7.88
CA GLY A 273 9.13 -3.32 -8.26
C GLY A 273 9.58 -1.89 -8.15
N SER A 274 8.92 -1.12 -7.28
CA SER A 274 9.10 0.30 -7.17
C SER A 274 9.79 0.69 -5.87
N THR A 275 10.28 1.90 -5.81
CA THR A 275 11.00 2.42 -4.67
C THR A 275 10.35 3.72 -4.24
N VAL A 276 10.11 3.85 -2.93
CA VAL A 276 9.41 4.96 -2.35
C VAL A 276 10.23 5.48 -1.22
N ASN A 277 10.40 6.81 -1.15
CA ASN A 277 10.98 7.47 0.00
C ASN A 277 10.28 8.76 0.35
N GLY A 278 10.07 8.97 1.63
CA GLY A 278 9.58 10.25 2.15
C GLY A 278 8.06 10.38 2.20
N TYR A 279 7.35 9.34 1.81
CA TYR A 279 5.86 9.34 1.79
C TYR A 279 5.29 8.93 3.14
N CYS A 280 4.03 9.30 3.38
CA CYS A 280 3.28 8.82 4.51
C CYS A 280 2.93 7.35 4.31
N ARG A 281 2.44 7.03 3.11
CA ARG A 281 1.85 5.73 2.84
C ARG A 281 2.37 5.13 1.52
N GLY A 282 2.37 3.81 1.47
CA GLY A 282 2.78 3.06 0.28
C GLY A 282 1.66 2.91 -0.76
N ALA A 283 0.66 2.11 -0.45
CA ALA A 283 -0.49 1.88 -1.31
C ALA A 283 -1.77 1.79 -0.57
N TYR A 284 -2.81 2.43 -1.05
CA TYR A 284 -4.18 2.17 -0.60
C TYR A 284 -4.73 1.09 -1.55
N VAL A 285 -5.38 0.08 -0.98
CA VAL A 285 -5.95 -1.05 -1.79
C VAL A 285 -7.38 -1.15 -1.38
N VAL A 286 -8.30 -0.76 -2.25
CA VAL A 286 -9.67 -0.51 -1.77
C VAL A 286 -10.72 -0.81 -2.84
N MET A 287 -11.94 -1.03 -2.43
N MET A 287 -11.93 -1.10 -2.42
CA MET A 287 -13.03 -1.03 -3.39
CA MET A 287 -13.08 -1.07 -3.29
C MET A 287 -14.14 -0.13 -2.85
C MET A 287 -13.97 -0.01 -2.66
N HIS A 288 -14.16 1.11 -3.35
CA HIS A 288 -15.17 2.11 -2.96
C HIS A 288 -16.36 1.89 -3.91
N ALA A 289 -17.52 1.57 -3.34
CA ALA A 289 -18.78 1.37 -4.11
C ALA A 289 -19.14 2.59 -5.00
N ALA A 290 -18.69 3.79 -4.61
CA ALA A 290 -18.92 4.98 -5.43
C ALA A 290 -18.27 4.88 -6.85
N GLU A 291 -17.13 4.17 -6.95
CA GLU A 291 -16.44 3.94 -8.25
C GLU A 291 -16.69 2.54 -8.91
N ALA A 292 -17.79 1.89 -8.57
CA ALA A 292 -18.11 0.56 -9.09
C ALA A 292 -18.82 0.54 -10.47
N ALA A 293 -19.12 1.69 -11.09
CA ALA A 293 -19.93 1.69 -12.32
C ALA A 293 -19.25 0.99 -13.54
N GLY A 294 -17.92 1.10 -13.65
CA GLY A 294 -17.23 0.58 -14.82
C GLY A 294 -16.87 -0.91 -14.85
N ALA A 295 -16.49 -1.43 -13.68
CA ALA A 295 -15.84 -2.77 -13.54
C ALA A 295 -16.47 -3.65 -12.41
N GLY A 296 -17.63 -3.24 -11.87
CA GLY A 296 -18.23 -3.91 -10.70
C GLY A 296 -17.80 -3.40 -9.31
N SER A 297 -18.39 -4.01 -8.26
CA SER A 297 -18.28 -3.58 -6.85
C SER A 297 -17.31 -4.46 -6.05
N TYR A 298 -16.61 -5.31 -6.77
CA TYR A 298 -15.56 -6.15 -6.21
C TYR A 298 -14.20 -5.65 -6.74
N ALA A 299 -13.26 -5.41 -5.85
CA ALA A 299 -11.87 -5.29 -6.25
C ALA A 299 -11.26 -6.59 -5.82
N TYR A 300 -10.74 -7.33 -6.77
CA TYR A 300 -10.11 -8.60 -6.52
C TYR A 300 -8.87 -8.69 -7.40
N ASN A 301 -7.97 -9.61 -7.07
CA ASN A 301 -6.69 -9.80 -7.76
C ASN A 301 -5.91 -8.55 -7.73
N MET A 302 -5.47 -8.22 -6.55
N MET A 302 -5.51 -8.18 -6.55
CA MET A 302 -4.72 -6.99 -6.28
CA MET A 302 -4.61 -7.05 -6.43
C MET A 302 -3.34 -7.39 -5.76
C MET A 302 -3.31 -7.55 -5.90
N GLN A 303 -2.27 -6.92 -6.39
CA GLN A 303 -0.91 -7.32 -6.06
C GLN A 303 -0.05 -6.13 -5.68
N VAL A 304 0.59 -6.23 -4.52
CA VAL A 304 1.59 -5.29 -4.12
C VAL A 304 2.85 -6.06 -3.80
N GLU A 305 3.82 -5.97 -4.69
N GLU A 305 3.83 -6.00 -4.68
CA GLU A 305 4.93 -6.92 -4.66
CA GLU A 305 4.94 -6.93 -4.59
C GLU A 305 6.30 -6.30 -4.96
C GLU A 305 6.27 -6.31 -4.95
N ASN A 306 7.27 -6.75 -4.22
CA ASN A 306 8.71 -6.51 -4.55
C ASN A 306 9.07 -5.01 -4.60
N ASN A 307 8.42 -4.24 -3.75
CA ASN A 307 8.70 -2.82 -3.60
C ASN A 307 9.67 -2.56 -2.43
N ILE A 308 10.35 -1.42 -2.51
CA ILE A 308 11.30 -0.94 -1.46
C ILE A 308 10.67 0.33 -0.95
N ALA A 309 10.50 0.51 0.35
CA ALA A 309 9.92 1.74 0.83
C ALA A 309 10.43 2.24 2.14
N VAL A 310 10.66 3.55 2.26
CA VAL A 310 10.83 4.24 3.54
C VAL A 310 9.64 5.23 3.66
N ILE A 311 8.78 4.98 4.60
CA ILE A 311 7.52 5.73 4.83
C ILE A 311 7.41 6.16 6.25
N TYR A 312 6.44 7.00 6.57
CA TYR A 312 6.34 7.49 7.95
C TYR A 312 5.04 7.06 8.61
N GLY A 313 4.14 6.54 7.79
CA GLY A 313 2.83 6.06 8.24
C GLY A 313 2.61 4.60 7.94
N GLN A 314 1.67 4.26 7.02
CA GLN A 314 1.28 2.85 6.77
C GLN A 314 1.58 2.37 5.39
N PHE A 315 2.19 1.18 5.28
CA PHE A 315 2.63 0.68 3.99
C PHE A 315 1.47 0.36 3.05
N VAL A 316 0.62 -0.57 3.45
CA VAL A 316 -0.57 -0.95 2.72
C VAL A 316 -1.76 -0.75 3.58
N ILE A 317 -2.73 0.00 3.07
CA ILE A 317 -3.95 0.25 3.72
C ILE A 317 -5.09 -0.44 2.94
N LEU A 318 -5.88 -1.25 3.65
CA LEU A 318 -7.01 -1.98 3.08
C LEU A 318 -8.31 -1.37 3.52
N GLY A 319 -9.21 -1.24 2.57
CA GLY A 319 -10.48 -0.75 2.95
C GLY A 319 -11.55 -1.03 1.93
N SER A 320 -12.77 -0.84 2.38
CA SER A 320 -13.87 -0.73 1.45
C SER A 320 -14.92 0.18 2.10
N ASP A 321 -15.85 0.69 1.29
CA ASP A 321 -17.05 1.32 1.83
C ASP A 321 -18.25 1.15 0.89
N VAL A 322 -19.39 1.67 1.32
CA VAL A 322 -20.63 1.41 0.64
C VAL A 322 -21.34 2.72 0.26
N THR A 323 -22.28 2.62 -0.68
CA THR A 323 -23.18 3.71 -1.02
C THR A 323 -24.57 3.28 -0.56
N ALA A 324 -25.54 4.19 -0.65
CA ALA A 324 -26.92 3.89 -0.27
C ALA A 324 -27.45 2.71 -1.11
N THR A 325 -26.93 2.56 -2.33
CA THR A 325 -27.40 1.53 -3.26
C THR A 325 -26.34 0.46 -3.63
N VAL A 326 -25.05 0.73 -3.41
CA VAL A 326 -23.98 -0.21 -3.83
C VAL A 326 -22.99 -0.55 -2.67
N SER A 327 -22.58 -1.82 -2.61
CA SER A 327 -21.68 -2.35 -1.56
C SER A 327 -20.36 -2.78 -2.16
N GLY A 328 -19.27 -2.25 -1.61
CA GLY A 328 -17.93 -2.62 -2.07
C GLY A 328 -17.32 -3.79 -1.28
N HIS A 329 -16.58 -4.63 -1.99
CA HIS A 329 -15.98 -5.83 -1.42
C HIS A 329 -14.55 -5.79 -1.90
N LEU A 330 -13.63 -6.13 -1.01
CA LEU A 330 -12.24 -6.23 -1.35
C LEU A 330 -11.81 -7.66 -1.00
N ASN A 331 -11.29 -8.41 -1.97
CA ASN A 331 -10.84 -9.79 -1.69
C ASN A 331 -9.79 -10.20 -2.67
N ASP A 332 -8.99 -11.21 -2.33
CA ASP A 332 -8.00 -11.74 -3.25
C ASP A 332 -6.89 -10.68 -3.48
N VAL A 333 -6.09 -10.47 -2.43
CA VAL A 333 -5.04 -9.55 -2.40
C VAL A 333 -3.77 -10.34 -2.05
N ILE A 334 -2.63 -9.98 -2.66
CA ILE A 334 -1.34 -10.50 -2.19
C ILE A 334 -0.33 -9.35 -1.99
N VAL A 335 0.34 -9.36 -0.87
CA VAL A 335 1.36 -8.43 -0.52
C VAL A 335 2.59 -9.25 -0.19
N SER A 336 3.61 -9.12 -1.02
N SER A 336 3.55 -9.23 -1.12
CA SER A 336 4.72 -10.05 -0.92
CA SER A 336 4.71 -10.12 -1.02
C SER A 336 6.03 -9.52 -1.48
C SER A 336 6.02 -9.43 -1.42
N GLY A 337 7.10 -9.88 -0.80
CA GLY A 337 8.44 -9.49 -1.27
C GLY A 337 8.89 -8.06 -1.01
N ASN A 338 8.10 -7.30 -0.28
CA ASN A 338 8.35 -5.92 0.01
C ASN A 338 9.29 -5.76 1.17
N ILE A 339 10.16 -4.76 1.07
CA ILE A 339 11.08 -4.41 2.14
C ILE A 339 10.81 -2.98 2.54
N VAL A 340 10.31 -2.78 3.76
CA VAL A 340 9.69 -1.52 4.17
C VAL A 340 10.27 -1.11 5.51
N SER A 341 10.53 0.19 5.67
CA SER A 341 10.80 0.70 7.00
C SER A 341 10.06 1.98 7.28
N ILE A 342 9.78 2.19 8.54
CA ILE A 342 9.39 3.52 9.04
C ILE A 342 10.66 4.34 9.16
N GLY A 343 10.67 5.52 8.50
CA GLY A 343 11.83 6.36 8.58
C GLY A 343 12.02 6.97 9.98
N GLU A 344 13.23 7.46 10.20
CA GLU A 344 13.60 8.12 11.46
C GLU A 344 12.61 9.27 11.78
N ARG A 345 11.90 9.13 12.90
CA ARG A 345 10.97 10.15 13.36
C ARG A 345 10.63 9.87 14.84
N ALA A 346 10.18 10.93 15.54
CA ALA A 346 9.73 10.79 16.86
C ALA A 346 8.44 9.97 16.89
N ALA A 347 8.24 9.25 17.98
CA ALA A 347 7.02 8.55 18.23
C ALA A 347 5.82 9.54 18.13
N PHE A 348 4.75 9.08 17.48
CA PHE A 348 3.51 9.85 17.36
C PHE A 348 3.58 11.13 16.55
N SER A 349 4.64 11.32 15.78
CA SER A 349 4.86 12.58 15.05
C SER A 349 4.30 12.56 13.65
N ALA A 350 3.84 11.39 13.25
CA ALA A 350 3.20 11.17 11.93
C ALA A 350 2.07 10.14 12.17
N PRO A 351 1.24 9.87 11.14
CA PRO A 351 0.24 8.78 11.28
C PRO A 351 0.87 7.45 11.68
N PHE A 352 0.08 6.66 12.42
CA PHE A 352 0.63 5.46 13.15
C PHE A 352 1.34 4.52 12.22
N GLY A 353 2.59 4.17 12.54
CA GLY A 353 3.39 3.33 11.68
C GLY A 353 2.84 1.91 11.57
N ALA A 354 2.70 1.40 10.33
CA ALA A 354 2.11 0.08 10.14
C ALA A 354 2.52 -0.52 8.87
N PHE A 355 2.71 -1.82 8.85
CA PHE A 355 2.92 -2.50 7.58
C PHE A 355 1.55 -2.68 6.86
N ILE A 356 0.58 -3.24 7.55
CA ILE A 356 -0.81 -3.32 7.07
C ILE A 356 -1.69 -2.48 7.99
N ASP A 357 -2.62 -1.70 7.42
CA ASP A 357 -3.58 -0.99 8.19
C ASP A 357 -4.96 -1.33 7.69
N ILE A 358 -5.89 -1.62 8.57
CA ILE A 358 -7.31 -1.88 8.20
C ILE A 358 -7.98 -0.62 8.72
N GLY A 359 -8.44 0.25 7.81
CA GLY A 359 -8.97 1.57 8.19
C GLY A 359 -10.48 1.66 8.22
N PRO A 360 -11.03 2.65 8.98
CA PRO A 360 -12.49 2.91 9.04
C PRO A 360 -13.09 3.66 7.82
N ASN A 365 -18.96 0.70 9.78
CA ASN A 365 -18.92 -0.74 9.98
C ASN A 365 -18.48 -1.38 8.70
N VAL A 366 -19.44 -1.73 7.85
CA VAL A 366 -19.23 -1.65 6.39
C VAL A 366 -18.11 -2.55 5.77
N GLN A 367 -16.85 -2.46 6.23
CA GLN A 367 -15.73 -3.23 5.63
C GLN A 367 -16.11 -4.68 5.25
N ASP A 368 -15.79 -5.08 4.02
CA ASP A 368 -15.86 -6.50 3.63
C ASP A 368 -14.55 -6.86 2.94
N ILE A 369 -13.57 -7.13 3.78
CA ILE A 369 -12.21 -7.38 3.34
C ILE A 369 -11.83 -8.80 3.76
N GLN A 370 -11.36 -9.61 2.82
CA GLN A 370 -11.05 -11.01 3.10
C GLN A 370 -10.10 -11.53 2.03
N ARG A 371 -9.66 -12.76 2.22
CA ARG A 371 -8.66 -13.37 1.31
C ARG A 371 -7.49 -12.44 0.92
N VAL A 372 -6.73 -12.00 1.94
CA VAL A 372 -5.56 -11.24 1.79
C VAL A 372 -4.37 -12.06 2.28
N LEU A 373 -3.38 -12.22 1.42
CA LEU A 373 -2.16 -12.96 1.79
C LEU A 373 -1.02 -12.00 1.89
N VAL A 374 -0.41 -11.97 3.08
CA VAL A 374 0.76 -11.16 3.38
C VAL A 374 1.93 -12.08 3.67
N THR A 375 2.89 -12.15 2.75
CA THR A 375 3.90 -13.24 2.85
C THR A 375 5.27 -12.76 2.35
N GLY A 376 6.31 -13.11 3.06
CA GLY A 376 7.64 -12.89 2.52
C GLY A 376 8.06 -11.45 2.46
N ASN A 377 7.57 -10.62 3.37
CA ASN A 377 7.93 -9.24 3.50
C ASN A 377 8.80 -9.01 4.74
N SER A 378 9.57 -7.94 4.66
N SER A 378 9.57 -7.93 4.69
CA SER A 378 10.34 -7.44 5.80
CA SER A 378 10.29 -7.47 5.87
C SER A 378 9.83 -6.05 6.17
C SER A 378 9.99 -6.03 6.21
N PHE A 379 9.71 -5.81 7.48
CA PHE A 379 9.27 -4.54 8.03
C PHE A 379 10.16 -4.18 9.24
N TYR A 380 10.63 -2.96 9.27
CA TYR A 380 11.41 -2.46 10.37
C TYR A 380 10.96 -1.05 10.82
N ALA A 381 11.00 -0.81 12.12
CA ALA A 381 10.83 0.52 12.65
C ALA A 381 11.83 0.70 13.75
N PRO A 382 12.54 1.83 13.70
CA PRO A 382 13.41 2.20 14.81
C PRO A 382 12.78 2.07 16.24
N ALA A 383 13.62 1.73 17.23
CA ALA A 383 13.21 1.31 18.55
C ALA A 383 12.45 2.40 19.32
N ASN A 384 12.64 3.67 18.93
CA ASN A 384 11.94 4.73 19.64
C ASN A 384 10.45 4.85 19.20
N ILE A 385 10.12 4.27 18.05
CA ILE A 385 8.79 4.52 17.43
C ILE A 385 7.79 3.58 18.05
N THR A 386 7.16 4.08 19.10
CA THR A 386 6.13 3.37 19.86
C THR A 386 4.95 3.00 18.94
N ASP A 387 4.57 3.97 18.08
CA ASP A 387 3.49 3.77 17.15
C ASP A 387 3.98 3.05 15.91
N SER A 388 4.31 1.78 16.05
CA SER A 388 4.66 0.95 14.88
C SER A 388 4.12 -0.50 15.09
N ALA A 389 3.49 -1.05 14.08
CA ALA A 389 2.81 -2.31 14.17
C ALA A 389 2.87 -3.06 12.87
N ALA A 390 2.97 -4.37 12.97
CA ALA A 390 2.81 -5.21 11.78
C ALA A 390 1.41 -5.01 11.13
N ILE A 391 0.36 -5.00 11.96
CA ILE A 391 -0.98 -4.67 11.53
C ILE A 391 -1.61 -3.77 12.59
N THR A 392 -2.15 -2.63 12.14
CA THR A 392 -3.08 -1.81 12.94
C THR A 392 -4.47 -2.18 12.43
N LEU A 393 -5.21 -2.93 13.24
CA LEU A 393 -6.48 -3.53 12.85
C LEU A 393 -7.58 -2.69 13.47
N ARG A 394 -7.99 -1.67 12.74
CA ARG A 394 -8.82 -0.59 13.31
C ARG A 394 -10.25 -0.62 12.85
N ALA A 395 -10.61 -1.62 12.05
CA ALA A 395 -11.96 -1.71 11.57
C ALA A 395 -12.18 -3.17 11.30
N ASN A 396 -13.41 -3.50 10.96
CA ASN A 396 -13.76 -4.90 10.75
C ASN A 396 -12.93 -5.55 9.69
N LEU A 397 -12.55 -6.80 9.98
CA LEU A 397 -11.77 -7.60 9.06
C LEU A 397 -12.39 -8.96 8.90
N ASN A 398 -12.59 -9.39 7.65
CA ASN A 398 -13.12 -10.77 7.41
C ASN A 398 -12.08 -11.80 6.98
N GLY A 399 -10.84 -11.39 6.84
CA GLY A 399 -9.72 -12.29 6.64
C GLY A 399 -8.47 -11.59 6.24
N CYS A 400 -7.37 -12.02 6.85
CA CYS A 400 -6.04 -11.66 6.43
C CYS A 400 -5.07 -12.66 6.96
N THR A 401 -4.17 -13.12 6.09
CA THR A 401 -3.30 -14.20 6.39
C THR A 401 -1.84 -13.77 6.33
N PHE A 402 -1.09 -13.97 7.39
CA PHE A 402 0.34 -13.57 7.47
C PHE A 402 1.19 -14.82 7.58
N ILE A 403 2.08 -15.03 6.61
CA ILE A 403 2.95 -16.19 6.55
C ILE A 403 4.39 -15.77 6.20
N ALA A 404 5.37 -16.22 6.97
CA ALA A 404 6.75 -16.10 6.58
C ALA A 404 7.11 -14.66 6.28
N ASN A 405 6.75 -13.76 7.16
CA ASN A 405 7.30 -12.44 7.16
C ASN A 405 8.28 -12.22 8.28
N ASN A 406 8.96 -11.10 8.29
CA ASN A 406 9.89 -10.71 9.37
C ASN A 406 9.50 -9.31 9.80
N PHE A 407 8.88 -9.19 10.98
CA PHE A 407 8.32 -7.91 11.47
C PHE A 407 9.15 -7.47 12.66
N ASP A 408 9.81 -6.31 12.56
CA ASP A 408 10.66 -5.80 13.59
C ASP A 408 10.21 -4.41 14.03
N CYS A 409 9.22 -4.37 14.90
CA CYS A 409 8.61 -3.09 15.30
C CYS A 409 7.97 -3.24 16.64
N ARG A 410 7.21 -2.26 17.11
CA ARG A 410 6.83 -2.26 18.53
C ARG A 410 5.73 -3.30 18.81
N TYR A 411 4.69 -3.27 17.97
CA TYR A 411 3.57 -4.22 18.09
C TYR A 411 3.54 -5.17 16.94
N MET A 412 2.95 -6.34 17.19
CA MET A 412 2.61 -7.22 16.06
C MET A 412 1.20 -6.88 15.62
N VAL A 413 0.23 -7.10 16.47
CA VAL A 413 -1.16 -6.74 16.18
C VAL A 413 -1.55 -5.64 17.17
N TYR A 414 -2.06 -4.53 16.69
CA TYR A 414 -2.49 -3.48 17.51
C TYR A 414 -3.82 -2.88 17.10
N ASN A 415 -4.57 -2.42 18.12
CA ASN A 415 -5.64 -1.47 17.97
C ASN A 415 -5.73 -0.68 19.26
N ALA A 416 -6.04 0.58 19.17
CA ALA A 416 -6.03 1.43 20.39
C ALA A 416 -7.25 1.07 21.22
N PRO A 417 -7.05 0.93 22.56
CA PRO A 417 -8.16 0.63 23.44
C PRO A 417 -9.14 1.77 23.46
N GLY A 418 -10.40 1.42 23.67
CA GLY A 418 -11.47 2.40 23.75
C GLY A 418 -11.46 3.38 22.59
N THR A 419 -11.27 2.85 21.39
CA THR A 419 -11.49 3.61 20.16
C THR A 419 -12.55 2.81 19.39
N THR A 420 -12.14 2.17 18.30
CA THR A 420 -13.00 1.29 17.57
C THR A 420 -12.99 -0.09 18.27
N SER A 421 -14.05 -0.84 17.99
CA SER A 421 -14.17 -2.19 18.43
C SER A 421 -14.42 -3.06 17.22
N PRO A 422 -13.34 -3.39 16.52
CA PRO A 422 -13.50 -4.23 15.35
C PRO A 422 -13.97 -5.67 15.60
N VAL A 423 -14.82 -6.14 14.69
CA VAL A 423 -15.16 -7.52 14.57
C VAL A 423 -14.13 -8.19 13.62
N VAL A 424 -13.44 -9.17 14.16
CA VAL A 424 -12.33 -9.84 13.47
C VAL A 424 -12.73 -11.27 13.21
N GLN A 425 -12.58 -11.66 11.94
CA GLN A 425 -12.70 -13.05 11.53
C GLN A 425 -11.54 -13.45 10.64
N ASN A 426 -11.08 -14.65 10.78
CA ASN A 426 -10.13 -15.29 9.85
C ASN A 426 -8.79 -14.55 9.80
N LEU A 427 -8.39 -14.02 10.95
CA LEU A 427 -7.03 -13.43 11.07
C LEU A 427 -6.10 -14.59 11.34
N VAL A 428 -5.15 -14.84 10.46
CA VAL A 428 -4.25 -15.96 10.61
C VAL A 428 -2.80 -15.44 10.68
N TRP A 429 -2.13 -15.64 11.81
CA TRP A 429 -0.75 -15.30 12.05
C TRP A 429 0.02 -16.58 12.25
N ASP A 430 0.61 -17.06 11.18
CA ASP A 430 1.35 -18.30 11.21
C ASP A 430 2.61 -18.21 12.04
N LYS A 431 3.00 -19.36 12.58
CA LYS A 431 4.22 -19.43 13.39
C LYS A 431 5.47 -19.07 12.64
N SER A 432 5.41 -19.11 11.31
CA SER A 432 6.62 -18.81 10.51
C SER A 432 6.86 -17.31 10.44
N ASN A 433 5.98 -16.45 10.94
CA ASN A 433 6.36 -15.02 11.12
C ASN A 433 7.39 -14.79 12.18
N VAL A 434 8.51 -14.16 11.82
CA VAL A 434 9.56 -13.91 12.76
C VAL A 434 9.44 -12.54 13.34
N ILE A 435 9.55 -12.47 14.66
CA ILE A 435 9.33 -11.25 15.45
C ILE A 435 10.74 -10.75 15.83
N GLY A 436 11.14 -9.59 15.29
CA GLY A 436 12.48 -9.01 15.57
C GLY A 436 12.63 -8.49 16.98
N GLY A 437 13.85 -8.11 17.33
CA GLY A 437 14.18 -7.67 18.68
C GLY A 437 14.52 -6.20 18.86
N THR A 438 14.39 -5.39 17.82
CA THR A 438 14.78 -3.99 17.91
C THR A 438 14.10 -3.24 19.05
N HIS A 439 12.87 -3.62 19.32
CA HIS A 439 12.12 -2.95 20.41
C HIS A 439 12.18 -3.71 21.75
N ALA A 440 13.03 -4.73 21.84
CA ALA A 440 13.20 -5.36 23.14
C ALA A 440 13.60 -4.30 24.16
N ASN A 441 13.05 -4.47 25.36
CA ASN A 441 13.24 -3.60 26.50
C ASN A 441 12.53 -2.31 26.41
N GLN A 442 11.75 -2.09 25.32
CA GLN A 442 11.04 -0.81 25.20
C GLN A 442 9.55 -0.95 25.52
N ARG A 443 9.09 -2.13 25.92
CA ARG A 443 7.68 -2.46 25.88
C ARG A 443 7.00 -2.44 27.25
N ALA A 444 7.56 -1.72 28.22
CA ALA A 444 6.90 -1.61 29.50
C ALA A 444 5.41 -1.22 29.28
N GLY A 445 4.53 -1.93 29.97
CA GLY A 445 3.13 -1.64 29.94
C GLY A 445 2.40 -2.04 28.70
N GLN A 446 3.07 -2.71 27.80
CA GLN A 446 2.54 -2.99 26.45
C GLN A 446 2.42 -4.47 26.20
N ASN A 447 1.40 -4.78 25.39
CA ASN A 447 1.17 -6.13 24.91
C ASN A 447 1.57 -6.31 23.47
N LEU A 448 2.44 -7.31 23.20
CA LEU A 448 2.97 -7.44 21.88
C LEU A 448 1.85 -7.60 20.82
N PHE A 449 0.88 -8.44 21.14
CA PHE A 449 -0.31 -8.60 20.37
C PHE A 449 -1.41 -8.06 21.27
N ASP A 450 -1.94 -6.89 20.93
CA ASP A 450 -2.83 -6.16 21.83
C ASP A 450 -4.19 -6.26 21.21
N MET A 451 -4.99 -7.22 21.70
CA MET A 451 -6.17 -7.67 20.90
C MET A 451 -7.40 -6.89 21.26
N GLN A 452 -7.40 -5.62 20.90
CA GLN A 452 -8.40 -4.66 21.37
C GLN A 452 -9.56 -4.61 20.42
N PHE A 453 -10.34 -5.68 20.48
CA PHE A 453 -11.39 -5.90 19.49
C PHE A 453 -12.71 -6.22 20.17
N ALA A 454 -13.81 -6.10 19.40
CA ALA A 454 -15.08 -6.56 19.93
C ALA A 454 -15.12 -8.07 20.03
N SER A 455 -14.58 -8.73 19.00
CA SER A 455 -14.61 -10.14 18.92
C SER A 455 -13.57 -10.64 17.96
N VAL A 456 -13.18 -11.86 18.20
CA VAL A 456 -12.20 -12.57 17.37
C VAL A 456 -12.73 -13.96 17.17
N VAL A 457 -12.91 -14.38 15.90
CA VAL A 457 -13.39 -15.72 15.57
C VAL A 457 -12.62 -16.31 14.40
N ASN A 458 -12.51 -17.63 14.41
CA ASN A 458 -11.82 -18.36 13.32
C ASN A 458 -10.44 -17.77 13.03
N SER A 459 -9.70 -17.44 14.08
CA SER A 459 -8.44 -16.80 13.95
C SER A 459 -7.36 -17.64 14.61
N THR A 460 -6.13 -17.46 14.12
CA THR A 460 -4.94 -18.17 14.58
C THR A 460 -3.89 -17.16 14.94
N ILE A 461 -3.40 -17.22 16.15
CA ILE A 461 -2.18 -16.46 16.49
C ILE A 461 -1.15 -17.37 17.07
N GLU A 462 -0.06 -17.65 16.34
CA GLU A 462 0.99 -18.45 16.81
C GLU A 462 2.22 -17.59 17.04
N VAL A 463 2.36 -17.25 18.30
CA VAL A 463 3.45 -16.34 18.73
C VAL A 463 4.73 -17.15 18.90
N GLN A 464 5.78 -16.74 18.19
CA GLN A 464 7.10 -17.29 18.33
C GLN A 464 8.09 -16.15 18.50
N LEU A 465 8.66 -16.04 19.70
CA LEU A 465 9.74 -15.11 19.93
C LEU A 465 11.03 -15.64 19.41
N SER A 466 11.96 -14.73 19.14
N SER A 466 11.96 -14.73 19.12
CA SER A 466 13.32 -15.07 18.66
CA SER A 466 13.34 -15.11 18.70
C SER A 466 14.39 -14.44 19.55
C SER A 466 14.40 -14.42 19.55
N CYS A 467 13.96 -13.71 20.59
CA CYS A 467 14.88 -13.15 21.62
C CYS A 467 14.03 -12.79 22.82
N GLU A 468 14.66 -12.46 23.94
CA GLU A 468 13.89 -12.08 25.12
C GLU A 468 13.41 -10.64 25.05
N ASP A 469 12.21 -10.38 25.57
CA ASP A 469 11.84 -9.01 25.90
C ASP A 469 11.02 -9.09 27.15
N LEU A 470 11.71 -8.98 28.26
CA LEU A 470 11.05 -9.04 29.55
C LEU A 470 10.36 -7.77 29.94
N SER A 471 10.47 -6.72 29.14
CA SER A 471 9.79 -5.41 29.45
C SER A 471 8.30 -5.52 29.16
N MET A 472 7.94 -6.37 28.24
CA MET A 472 6.54 -6.36 27.80
C MET A 472 5.65 -6.91 28.89
N PHE A 473 4.39 -6.39 28.97
CA PHE A 473 3.41 -6.87 29.95
C PHE A 473 2.99 -8.30 29.62
N SER A 474 2.76 -8.53 28.35
CA SER A 474 2.42 -9.86 27.88
C SER A 474 2.73 -10.04 26.41
N CYS A 475 2.80 -11.28 25.98
CA CYS A 475 2.90 -11.55 24.56
C CYS A 475 1.59 -11.28 23.82
N ILE A 476 0.50 -11.74 24.38
CA ILE A 476 -0.80 -11.46 23.80
C ILE A 476 -1.82 -11.25 24.89
N LEU A 477 -2.71 -10.25 24.72
CA LEU A 477 -3.71 -9.96 25.72
C LEU A 477 -5.06 -9.69 25.07
N PHE A 478 -6.06 -10.31 25.65
CA PHE A 478 -7.46 -10.13 25.26
C PHE A 478 -8.18 -9.45 26.43
N PRO A 479 -8.66 -8.21 26.24
CA PRO A 479 -9.50 -7.57 27.29
C PRO A 479 -10.85 -8.31 27.43
N ALA A 480 -11.54 -8.14 28.55
CA ALA A 480 -12.68 -8.91 28.82
C ALA A 480 -13.82 -8.55 27.83
N SER A 481 -13.76 -7.34 27.27
CA SER A 481 -14.69 -6.89 26.24
C SER A 481 -14.53 -7.60 24.88
N CYS A 482 -13.45 -8.34 24.68
CA CYS A 482 -13.25 -9.07 23.43
C CYS A 482 -13.71 -10.52 23.56
N GLN A 483 -14.74 -10.86 22.80
CA GLN A 483 -15.15 -12.27 22.69
C GLN A 483 -14.11 -13.03 21.86
N LEU A 484 -13.90 -14.29 22.19
CA LEU A 484 -12.92 -15.11 21.50
C LEU A 484 -13.52 -16.47 21.32
N SER A 485 -13.65 -16.97 20.10
CA SER A 485 -14.19 -18.30 19.87
C SER A 485 -13.66 -18.93 18.62
N TYR A 486 -13.70 -20.25 18.58
CA TYR A 486 -13.25 -20.98 17.38
C TYR A 486 -11.94 -20.41 16.85
N SER A 487 -10.98 -20.41 17.75
CA SER A 487 -9.68 -19.77 17.52
C SER A 487 -8.57 -20.57 18.12
N LYS A 488 -7.35 -20.37 17.59
CA LYS A 488 -6.18 -21.05 18.10
C LYS A 488 -5.16 -19.97 18.52
N ILE A 489 -4.73 -19.98 19.75
CA ILE A 489 -3.79 -18.98 20.26
C ILE A 489 -2.68 -19.71 20.98
N THR A 490 -1.44 -19.61 20.49
CA THR A 490 -0.31 -20.31 21.09
C THR A 490 0.85 -19.40 21.28
N VAL A 491 1.52 -19.62 22.38
CA VAL A 491 2.79 -18.95 22.68
C VAL A 491 3.87 -20.05 22.87
N ASP A 492 4.85 -20.00 21.99
CA ASP A 492 5.96 -20.92 22.09
C ASP A 492 6.78 -20.53 23.29
N SER A 493 7.33 -21.54 23.98
CA SER A 493 8.08 -21.27 25.16
C SER A 493 9.41 -20.61 25.04
N ALA A 494 10.00 -20.61 23.85
CA ALA A 494 11.40 -20.13 23.75
C ALA A 494 11.45 -18.61 24.07
N TRP A 495 12.44 -18.27 24.94
CA TRP A 495 12.69 -16.95 25.44
C TRP A 495 11.58 -16.47 26.38
N THR A 496 10.71 -17.35 26.86
CA THR A 496 9.63 -16.89 27.76
C THR A 496 9.77 -17.34 29.23
N LYS A 497 10.85 -18.02 29.60
CA LYS A 497 10.94 -18.62 30.94
C LYS A 497 10.77 -17.60 32.07
N SER A 498 11.25 -16.38 31.82
CA SER A 498 11.30 -15.34 32.84
C SER A 498 10.12 -14.37 32.74
N MET A 499 9.15 -14.68 31.91
CA MET A 499 8.02 -13.77 31.79
C MET A 499 6.93 -14.10 32.80
N SER A 500 6.51 -13.07 33.55
CA SER A 500 5.34 -13.22 34.47
C SER A 500 4.05 -13.54 33.77
N ASN A 501 3.83 -12.87 32.64
CA ASN A 501 2.65 -13.10 31.82
C ASN A 501 3.09 -13.42 30.39
N THR A 502 2.51 -14.46 29.83
CA THR A 502 2.70 -14.83 28.46
C THR A 502 1.44 -14.51 27.63
N ALA A 503 0.40 -15.30 27.76
CA ALA A 503 -0.95 -14.98 27.21
C ALA A 503 -1.91 -14.61 28.34
N VAL A 504 -2.67 -13.51 28.19
CA VAL A 504 -3.60 -13.00 29.17
C VAL A 504 -4.95 -12.91 28.56
N PHE A 505 -5.89 -13.56 29.24
CA PHE A 505 -7.31 -13.55 28.83
C PHE A 505 -8.04 -12.87 29.98
N GLU A 506 -8.34 -11.60 29.85
CA GLU A 506 -8.90 -10.87 30.98
C GLU A 506 -10.33 -11.23 31.33
N GLY A 507 -10.99 -11.91 30.40
CA GLY A 507 -12.31 -12.43 30.63
C GLY A 507 -12.38 -13.95 30.67
N ASN A 508 -11.23 -14.58 30.90
N ASN A 508 -11.27 -14.64 30.95
CA ASN A 508 -11.12 -16.02 30.95
CA ASN A 508 -11.21 -16.11 30.94
C ASN A 508 -11.65 -16.68 29.67
C ASN A 508 -11.69 -16.70 29.64
N GLN A 509 -11.39 -16.03 28.54
CA GLN A 509 -11.91 -16.50 27.26
C GLN A 509 -11.29 -17.79 26.77
N GLN A 510 -10.14 -18.12 27.33
CA GLN A 510 -9.49 -19.34 26.95
C GLN A 510 -10.26 -20.59 27.32
N ALA A 511 -11.29 -20.47 28.15
CA ALA A 511 -12.16 -21.57 28.55
C ALA A 511 -13.25 -21.91 27.53
N GLY A 512 -13.35 -21.16 26.47
CA GLY A 512 -14.33 -21.46 25.44
C GLY A 512 -14.29 -22.85 24.87
N ALA A 513 -15.47 -23.33 24.53
CA ALA A 513 -15.55 -24.72 24.03
C ALA A 513 -14.67 -24.96 22.84
N ASN A 514 -14.53 -23.97 21.95
CA ASN A 514 -13.79 -24.13 20.67
C ASN A 514 -12.56 -23.23 20.58
N VAL A 515 -11.98 -23.01 21.73
CA VAL A 515 -10.76 -22.28 21.85
C VAL A 515 -9.67 -23.24 22.12
N TYR A 516 -8.64 -23.17 21.29
CA TYR A 516 -7.48 -24.04 21.33
C TYR A 516 -6.28 -23.19 21.71
N VAL A 517 -5.67 -23.43 22.86
N VAL A 517 -5.71 -23.38 22.90
CA VAL A 517 -4.66 -22.51 23.38
CA VAL A 517 -4.53 -22.60 23.32
C VAL A 517 -3.56 -23.20 24.16
C VAL A 517 -3.46 -23.37 23.99
N SER A 518 -2.29 -22.73 24.03
CA SER A 518 -1.24 -23.24 24.85
C SER A 518 -0.32 -22.07 25.16
N TYR A 519 0.13 -21.98 26.38
CA TYR A 519 1.09 -20.96 26.79
C TYR A 519 1.76 -21.33 28.09
N PRO A 520 2.97 -20.76 28.37
CA PRO A 520 3.58 -21.13 29.60
C PRO A 520 3.08 -20.36 30.83
N ALA A 521 3.19 -21.01 31.99
CA ALA A 521 2.73 -20.43 33.24
C ALA A 521 3.55 -21.04 34.37
N THR A 522 3.65 -20.32 35.46
CA THR A 522 4.27 -20.86 36.66
C THR A 522 3.18 -21.30 37.62
N VAL A 523 3.35 -22.52 38.15
CA VAL A 523 2.29 -23.11 38.95
C VAL A 523 2.89 -23.66 40.22
N ASN A 524 2.26 -23.36 41.36
CA ASN A 524 2.64 -23.97 42.62
C ASN A 524 1.89 -25.27 42.88
N LEU A 525 2.60 -26.28 43.30
CA LEU A 525 2.00 -27.59 43.54
C LEU A 525 2.40 -28.12 44.91
N THR A 526 1.54 -28.95 45.44
CA THR A 526 1.78 -29.68 46.70
C THR A 526 1.39 -31.13 46.53
N SER A 527 2.15 -32.04 47.12
CA SER A 527 1.86 -33.48 46.97
C SER A 527 1.27 -33.98 48.28
N TYR A 528 0.65 -35.14 48.17
CA TYR A 528 0.41 -35.94 49.36
C TYR A 528 1.71 -36.54 49.95
N ASN A 529 1.63 -37.12 51.14
N ASN A 529 1.58 -37.13 51.14
CA ASN A 529 2.87 -37.56 51.80
CA ASN A 529 2.72 -37.61 51.91
C ASN A 529 3.27 -38.99 51.47
C ASN A 529 3.28 -38.93 51.39
N THR A 530 2.43 -39.72 50.73
CA THR A 530 2.68 -41.12 50.34
C THR A 530 4.06 -41.37 49.69
N GLN A 531 4.74 -42.35 50.20
CA GLN A 531 5.91 -42.89 49.52
C GLN A 531 5.46 -43.60 48.25
N GLY A 532 6.29 -43.54 47.23
CA GLY A 532 5.94 -44.18 45.97
C GLY A 532 5.24 -43.23 45.01
N ALA A 533 4.42 -43.78 44.09
CA ALA A 533 3.70 -42.96 43.15
C ALA A 533 2.76 -42.10 44.00
N VAL A 534 2.74 -40.85 43.71
CA VAL A 534 2.08 -39.89 44.61
C VAL A 534 1.55 -38.74 43.81
N PRO A 535 0.33 -38.26 44.14
CA PRO A 535 -0.16 -37.15 43.38
C PRO A 535 0.36 -35.79 43.83
N PHE A 536 0.43 -34.90 42.84
CA PHE A 536 0.77 -33.50 43.08
C PHE A 536 -0.38 -32.70 42.52
N PHE A 537 -0.79 -31.67 43.28
CA PHE A 537 -2.01 -30.88 42.94
C PHE A 537 -1.64 -29.40 43.01
N SER A 538 -2.25 -28.63 42.14
CA SER A 538 -1.97 -27.22 42.13
C SER A 538 -2.65 -26.59 43.35
N THR A 539 -1.98 -25.60 43.93
CA THR A 539 -2.57 -24.81 45.02
C THR A 539 -3.75 -23.92 44.54
N ASP A 540 -3.58 -23.30 43.38
CA ASP A 540 -4.61 -22.50 42.77
C ASP A 540 -5.61 -23.38 41.99
N THR A 541 -6.81 -22.82 41.83
CA THR A 541 -7.95 -23.49 41.21
C THR A 541 -8.41 -22.82 39.92
N ASN A 542 -7.45 -22.25 39.20
N ASN A 542 -7.52 -22.12 39.21
CA ASN A 542 -7.70 -21.47 38.02
CA ASN A 542 -7.86 -21.47 37.94
C ASN A 542 -7.55 -22.24 36.72
C ASN A 542 -7.40 -22.25 36.72
N TYR A 543 -7.54 -23.58 36.80
CA TYR A 543 -7.13 -24.42 35.67
C TYR A 543 -8.20 -25.38 35.18
N ALA A 544 -9.46 -25.03 35.41
CA ALA A 544 -10.56 -25.87 34.92
C ALA A 544 -10.63 -26.07 33.43
N TRP A 545 -10.04 -25.14 32.68
CA TRP A 545 -10.03 -25.18 31.23
C TRP A 545 -8.86 -25.99 30.65
N VAL A 546 -7.91 -26.42 31.50
CA VAL A 546 -6.69 -27.02 31.01
C VAL A 546 -6.94 -28.49 30.65
N THR A 547 -6.51 -28.92 29.48
CA THR A 547 -6.65 -30.33 29.05
C THR A 547 -5.40 -31.15 29.38
N SER A 548 -4.23 -30.53 29.31
CA SER A 548 -3.00 -31.14 29.77
C SER A 548 -1.97 -30.08 30.01
N ALA A 549 -0.96 -30.37 30.80
CA ALA A 549 0.17 -29.54 30.93
C ALA A 549 1.38 -30.38 31.11
N TYR A 550 2.56 -29.79 30.86
CA TYR A 550 3.77 -30.55 31.02
C TYR A 550 4.88 -29.63 31.49
N SER A 551 5.82 -30.28 32.13
CA SER A 551 6.95 -29.58 32.75
C SER A 551 7.86 -28.85 31.78
N LEU A 552 8.18 -27.59 32.10
CA LEU A 552 9.25 -26.82 31.48
C LEU A 552 10.41 -26.51 32.37
N SER A 553 10.44 -27.13 33.55
CA SER A 553 11.43 -26.95 34.59
C SER A 553 12.21 -28.17 34.90
N ILE A 554 13.50 -28.04 35.27
CA ILE A 554 14.18 -29.20 35.77
C ILE A 554 13.77 -29.49 37.23
N ASN A 555 14.08 -30.68 37.68
CA ASN A 555 13.85 -31.11 39.08
C ASN A 555 15.20 -31.18 39.78
N GLU A 556 15.39 -30.26 40.72
CA GLU A 556 16.63 -30.18 41.50
C GLU A 556 16.74 -31.28 42.63
N ASN A 557 15.70 -32.07 42.79
CA ASN A 557 15.55 -32.99 43.91
C ASN A 557 16.01 -34.37 43.55
N LEU A 558 16.56 -35.05 44.55
CA LEU A 558 16.93 -36.46 44.42
C LEU A 558 15.75 -37.33 44.96
N ASP A 559 15.17 -36.91 46.08
CA ASP A 559 14.31 -37.79 46.85
C ASP A 559 12.90 -37.89 46.27
N PHE A 560 12.59 -37.03 45.33
CA PHE A 560 11.32 -37.11 44.66
C PHE A 560 11.39 -36.43 43.31
N SER A 561 10.30 -36.61 42.56
CA SER A 561 10.11 -35.87 41.34
C SER A 561 8.63 -35.51 41.18
N PRO A 562 8.33 -34.27 40.74
CA PRO A 562 6.96 -33.94 40.36
C PRO A 562 6.57 -34.68 39.09
N PRO A 563 5.27 -34.70 38.76
CA PRO A 563 4.82 -35.29 37.53
C PRO A 563 5.46 -34.58 36.32
N ALA A 564 5.77 -35.35 35.27
CA ALA A 564 6.13 -34.73 34.01
C ALA A 564 4.91 -34.01 33.33
N THR A 565 3.72 -34.57 33.53
CA THR A 565 2.52 -34.15 32.81
C THR A 565 1.36 -34.17 33.79
N TYR A 566 0.36 -33.34 33.51
CA TYR A 566 -0.76 -33.06 34.40
C TYR A 566 -2.01 -33.04 33.58
N THR A 567 -3.07 -33.40 34.24
CA THR A 567 -4.40 -33.08 33.75
C THR A 567 -5.07 -32.23 34.81
N ASN A 568 -6.38 -32.01 34.69
CA ASN A 568 -7.08 -31.21 35.72
C ASN A 568 -8.21 -31.98 36.41
N LYS A 569 -8.85 -31.26 37.34
CA LYS A 569 -9.96 -31.74 38.18
C LYS A 569 -11.05 -30.72 38.11
N ALA A 570 -12.25 -31.16 38.46
CA ALA A 570 -13.47 -30.33 38.41
C ALA A 570 -13.40 -29.00 39.15
N ASN A 571 -12.56 -28.94 40.18
CA ASN A 571 -12.48 -27.79 41.02
C ASN A 571 -11.48 -26.79 40.46
N GLY A 572 -10.79 -27.14 39.36
CA GLY A 572 -9.86 -26.25 38.68
C GLY A 572 -8.45 -26.45 39.13
N GLN A 573 -8.21 -27.43 39.96
CA GLN A 573 -6.80 -27.86 40.19
C GLN A 573 -6.23 -28.64 39.04
N LEU A 574 -4.91 -28.49 38.85
CA LEU A 574 -4.14 -29.44 38.09
C LEU A 574 -3.74 -30.57 39.02
N VAL A 575 -3.54 -31.74 38.39
CA VAL A 575 -3.19 -32.96 39.09
C VAL A 575 -2.35 -33.85 38.22
N GLY A 576 -1.35 -34.43 38.83
CA GLY A 576 -0.45 -35.32 38.14
C GLY A 576 0.13 -36.32 39.11
N VAL A 577 0.73 -37.39 38.54
CA VAL A 577 1.35 -38.44 39.36
C VAL A 577 2.86 -38.38 39.28
N GLY A 578 3.47 -38.00 40.41
CA GLY A 578 4.94 -37.97 40.56
C GLY A 578 5.40 -39.16 41.37
N TYR A 579 6.63 -39.09 41.88
CA TYR A 579 7.20 -40.23 42.57
C TYR A 579 7.99 -39.76 43.78
N ASN A 580 7.64 -40.29 44.92
CA ASN A 580 8.32 -40.05 46.19
C ASN A 580 9.21 -41.24 46.50
N GLU A 581 10.55 -41.06 46.32
CA GLU A 581 11.44 -42.15 46.66
C GLU A 581 11.33 -42.43 48.17
N ILE A 582 11.24 -41.33 48.93
CA ILE A 582 10.98 -41.32 50.35
C ILE A 582 9.73 -40.45 50.48
N GLY A 583 8.90 -40.81 51.45
CA GLY A 583 7.66 -40.09 51.67
C GLY A 583 7.89 -38.67 52.22
N GLY A 584 6.79 -37.96 52.24
CA GLY A 584 6.71 -36.61 52.72
C GLY A 584 5.94 -35.72 51.79
N VAL A 585 5.28 -34.74 52.39
CA VAL A 585 4.59 -33.75 51.61
C VAL A 585 5.65 -32.91 50.90
N ARG A 586 5.47 -32.72 49.61
CA ARG A 586 6.32 -31.89 48.77
C ARG A 586 5.62 -30.62 48.34
N SER A 587 6.40 -29.56 48.18
CA SER A 587 5.89 -28.33 47.70
C SER A 587 6.91 -27.76 46.67
N VAL A 588 6.45 -27.52 45.46
CA VAL A 588 7.30 -26.96 44.46
C VAL A 588 6.62 -25.91 43.63
N SER A 589 7.46 -25.09 42.97
N SER A 589 7.44 -25.14 42.90
CA SER A 589 7.06 -24.16 41.90
CA SER A 589 6.96 -24.15 41.93
C SER A 589 7.65 -24.67 40.60
C SER A 589 7.63 -24.39 40.58
N VAL A 590 6.82 -24.74 39.58
CA VAL A 590 7.29 -25.29 38.33
C VAL A 590 6.78 -24.45 37.15
N ARG A 591 7.60 -24.36 36.13
CA ARG A 591 7.15 -23.74 34.89
C ARG A 591 6.48 -24.83 34.04
N LEU A 592 5.22 -24.63 33.69
CA LEU A 592 4.49 -25.58 32.87
C LEU A 592 4.09 -24.94 31.54
N MET A 593 3.99 -25.78 30.51
CA MET A 593 3.23 -25.45 29.34
C MET A 593 1.76 -25.83 29.54
N LEU A 594 0.86 -24.86 29.69
CA LEU A 594 -0.56 -25.15 29.82
C LEU A 594 -1.17 -25.35 28.44
N GLN A 595 -1.98 -26.40 28.24
CA GLN A 595 -2.54 -26.73 26.94
C GLN A 595 -4.02 -26.91 27.10
N ARG A 596 -4.77 -26.40 26.14
CA ARG A 596 -6.23 -26.64 26.01
C ARG A 596 -6.54 -27.07 24.61
N GLN A 597 -6.83 -28.35 24.47
CA GLN A 597 -7.32 -28.99 23.24
C GLN A 597 -6.28 -29.05 22.13
N VAL A 598 -5.02 -28.86 22.52
CA VAL A 598 -3.86 -28.92 21.63
C VAL A 598 -2.79 -29.75 22.27
C TRS B . 12.97 -36.41 53.78
C1 TRS B . 12.62 -37.00 52.41
C2 TRS B . 14.48 -36.39 53.99
C3 TRS B . 12.34 -37.23 54.95
N TRS B . 12.56 -34.95 53.90
O1 TRS B . 13.12 -36.24 51.25
O2 TRS B . 15.02 -37.67 53.87
O3 TRS B . 12.72 -36.64 56.20
C FMT C . -18.77 -21.89 21.32
O1 FMT C . -19.75 -22.31 20.66
O2 FMT C . -17.56 -22.34 20.97
C FMT D . 12.14 25.27 -37.06
O1 FMT D . 11.42 25.26 -38.09
O2 FMT D . 12.59 24.13 -36.48
C FMT E . -1.81 -37.64 52.66
O1 FMT E . -2.84 -37.91 52.00
O2 FMT E . -1.00 -36.58 52.40
NA NA F . -17.40 -7.64 22.51
#